data_6Q6R
#
_entry.id   6Q6R
#
_cell.length_a   56.390
_cell.length_b   42.250
_cell.length_c   61.404
_cell.angle_alpha   90.00
_cell.angle_beta   99.30
_cell.angle_gamma   90.00
#
_symmetry.space_group_name_H-M   'P 1 21 1'
#
loop_
_entity.id
_entity.type
_entity.pdbx_description
1 polymer 'Parallel stranded DNA G-quadruplex'
2 polymer 'ATP-dependent DNA/RNA helicase DHX36'
3 non-polymer 'POTASSIUM ION'
4 water water
#
loop_
_entity_poly.entity_id
_entity_poly.type
_entity_poly.pdbx_seq_one_letter_code
_entity_poly.pdbx_strand_id
1 'polydeoxyribonucleotide' (DG)(DG)(DG)(DT)(DG)(DG)(DG)(DT)(DG)(DG)(DG)(DT)(DG)(DG)(DG)(DT) A,B,C,D
2 'polypeptide(L)' HPGHLKGREIGMWYAKKQGQKNKEAERQE E,F,G,H
#
# COMPACT_ATOMS: atom_id res chain seq x y z
N HIS E 1 -9.59 -7.75 6.70
CA HIS E 1 -10.12 -8.54 7.84
C HIS E 1 -11.42 -7.95 8.39
N PRO E 2 -12.31 -8.79 8.87
CA PRO E 2 -13.54 -8.30 9.58
C PRO E 2 -13.29 -7.32 10.70
N GLY E 3 -14.12 -6.30 10.77
CA GLY E 3 -13.94 -5.20 11.66
C GLY E 3 -14.03 -5.55 13.13
N HIS E 4 -14.69 -6.65 13.42
CA HIS E 4 -14.98 -6.96 14.80
C HIS E 4 -13.78 -7.54 15.52
N LEU E 5 -12.81 -7.97 14.71
CA LEU E 5 -11.66 -8.68 15.26
C LEU E 5 -10.77 -7.72 16.01
N LYS E 6 -10.17 -8.21 17.09
CA LYS E 6 -9.14 -7.46 17.74
C LYS E 6 -7.96 -8.26 18.08
N GLY E 7 -6.88 -7.54 18.30
CA GLY E 7 -5.68 -8.13 18.82
C GLY E 7 -5.22 -9.33 17.98
N ARG E 8 -4.87 -10.39 18.73
CA ARG E 8 -4.40 -11.65 18.18
C ARG E 8 -5.37 -12.18 17.11
N GLU E 9 -6.66 -11.92 17.28
CA GLU E 9 -7.68 -12.42 16.38
C GLU E 9 -7.61 -11.83 15.02
N ILE E 10 -6.99 -10.64 14.93
CA ILE E 10 -6.78 -10.02 13.68
C ILE E 10 -5.68 -10.80 12.97
N GLY E 11 -4.55 -10.92 13.59
CA GLY E 11 -3.49 -11.75 12.99
C GLY E 11 -3.89 -13.11 12.64
N MET E 12 -4.62 -13.86 13.49
CA MET E 12 -4.98 -15.20 13.19
C MET E 12 -6.06 -15.27 12.13
N TRP E 13 -6.80 -14.19 11.89
CA TRP E 13 -7.75 -14.25 10.77
C TRP E 13 -6.99 -14.50 9.40
N TYR E 14 -5.93 -13.76 9.23
CA TYR E 14 -5.03 -13.96 8.12
C TYR E 14 -4.41 -15.34 8.24
N ALA E 15 -3.93 -15.70 9.42
CA ALA E 15 -3.23 -17.00 9.51
C ALA E 15 -4.10 -18.22 9.16
N LYS E 16 -5.30 -18.23 9.76
CA LYS E 16 -6.29 -19.34 9.54
C LYS E 16 -6.86 -19.25 8.16
N LYS E 17 -6.52 -18.16 7.47
CA LYS E 17 -6.92 -17.73 6.13
C LYS E 17 -7.91 -16.58 6.11
N HIS F 1 18.95 1.95 5.82
CA HIS F 1 19.96 1.35 6.68
C HIS F 1 21.17 0.98 5.81
N PRO F 2 22.34 0.98 6.42
CA PRO F 2 23.48 0.56 5.59
C PRO F 2 23.38 -0.85 5.07
N GLY F 3 23.85 -1.00 3.84
CA GLY F 3 23.72 -2.25 3.06
C GLY F 3 24.42 -3.45 3.67
N HIS F 4 25.53 -3.21 4.36
CA HIS F 4 26.31 -4.35 4.84
C HIS F 4 25.64 -5.09 6.03
N LEU F 5 24.53 -4.55 6.53
CA LEU F 5 23.97 -5.08 7.73
C LEU F 5 23.17 -6.30 7.39
N LYS F 6 23.21 -7.24 8.29
CA LYS F 6 22.32 -8.41 8.14
C LYS F 6 21.59 -8.82 9.38
N GLY F 7 20.48 -9.50 9.17
CA GLY F 7 19.75 -10.13 10.28
C GLY F 7 19.29 -9.13 11.35
N ARG F 8 19.49 -9.50 12.62
CA ARG F 8 19.24 -8.70 13.80
C ARG F 8 19.92 -7.33 13.71
N GLU F 9 21.14 -7.28 13.09
CA GLU F 9 21.91 -6.06 12.78
CA GLU F 9 21.85 -6.03 13.04
C GLU F 9 21.10 -4.94 12.13
N ILE F 10 20.18 -5.35 11.23
CA ILE F 10 19.41 -4.44 10.36
C ILE F 10 18.41 -3.83 11.38
N GLY F 11 17.69 -4.69 12.07
CA GLY F 11 16.68 -4.13 13.03
C GLY F 11 17.28 -3.28 14.12
N MET F 12 18.36 -3.76 14.71
CA MET F 12 19.04 -3.03 15.77
C MET F 12 19.69 -1.73 15.33
N TRP F 13 19.97 -1.55 14.05
CA TRP F 13 20.48 -0.28 13.58
C TRP F 13 19.42 0.79 13.76
N TYR F 14 18.19 0.43 13.40
CA TYR F 14 17.04 1.30 13.67
C TYR F 14 16.86 1.51 15.18
N ALA F 15 16.93 0.44 15.97
CA ALA F 15 16.71 0.51 17.43
C ALA F 15 17.66 1.50 18.11
N LYS F 16 18.94 1.35 17.75
CA LYS F 16 20.04 2.19 18.32
C LYS F 16 19.95 3.63 17.88
N LYS F 17 19.41 3.82 16.66
CA LYS F 17 18.70 5.02 16.04
C LYS F 17 19.16 5.52 14.67
N HIS G 1 -22.63 6.57 -17.90
CA HIS G 1 -23.18 5.64 -16.87
C HIS G 1 -24.46 6.23 -16.21
N PRO G 2 -25.24 5.37 -15.57
CA PRO G 2 -26.53 5.91 -15.01
C PRO G 2 -26.33 6.87 -13.90
N GLY G 3 -27.13 7.92 -13.91
CA GLY G 3 -26.92 9.08 -13.02
C GLY G 3 -27.05 8.73 -11.54
N HIS G 4 -27.92 7.76 -11.24
CA HIS G 4 -28.09 7.40 -9.88
C HIS G 4 -26.89 6.82 -9.15
N LEU G 5 -25.89 6.28 -9.94
CA LEU G 5 -24.81 5.62 -9.31
C LEU G 5 -23.90 6.62 -8.47
N LYS G 6 -23.38 6.15 -7.35
CA LYS G 6 -22.43 6.98 -6.52
C LYS G 6 -21.19 6.18 -6.21
N GLY G 7 -20.04 6.85 -6.11
CA GLY G 7 -18.90 6.22 -5.52
C GLY G 7 -18.39 5.04 -6.35
N ARG G 8 -18.02 3.99 -5.61
CA ARG G 8 -17.62 2.74 -6.12
C ARG G 8 -18.58 2.20 -7.16
N GLU G 9 -19.90 2.43 -7.01
CA GLU G 9 -20.84 1.88 -7.92
C GLU G 9 -20.66 2.49 -9.35
N ILE G 10 -20.12 3.73 -9.47
CA ILE G 10 -19.91 4.31 -10.77
C ILE G 10 -18.80 3.48 -11.44
N GLY G 11 -17.69 3.34 -10.72
CA GLY G 11 -16.60 2.54 -11.34
C GLY G 11 -16.98 1.09 -11.61
N MET G 12 -17.70 0.49 -10.67
CA MET G 12 -18.10 -0.89 -10.87
C MET G 12 -19.12 -1.10 -11.99
N TRP G 13 -19.85 -0.08 -12.35
CA TRP G 13 -20.80 -0.22 -13.47
C TRP G 13 -20.00 -0.52 -14.78
N TYR G 14 -18.88 0.19 -14.95
CA TYR G 14 -18.03 -0.08 -16.10
C TYR G 14 -17.29 -1.40 -15.95
N ALA G 15 -16.79 -1.71 -14.78
CA ALA G 15 -16.14 -3.03 -14.57
C ALA G 15 -17.07 -4.23 -14.85
N LYS G 16 -18.27 -4.22 -14.28
CA LYS G 16 -19.19 -5.36 -14.38
C LYS G 16 -19.56 -5.52 -15.87
N LYS G 17 -19.80 -4.36 -16.53
CA LYS G 17 -19.72 -4.05 -18.00
C LYS G 17 -20.87 -3.11 -18.51
N HIS H 1 5.62 16.64 -18.18
CA HIS H 1 6.72 16.03 -17.42
C HIS H 1 7.97 15.66 -18.28
N PRO H 2 9.14 15.61 -17.69
CA PRO H 2 10.34 15.25 -18.50
C PRO H 2 10.27 13.81 -19.06
N GLY H 3 10.70 13.64 -20.31
CA GLY H 3 10.48 12.41 -21.03
C GLY H 3 11.15 11.23 -20.40
N HIS H 4 12.23 11.48 -19.71
CA HIS H 4 12.95 10.41 -19.17
C HIS H 4 12.31 9.64 -18.08
N LEU H 5 11.30 10.30 -17.42
CA LEU H 5 10.77 9.66 -16.27
C LEU H 5 9.92 8.37 -16.64
N LYS H 6 9.92 7.36 -15.75
CA LYS H 6 9.09 6.19 -15.93
C LYS H 6 8.37 5.83 -14.71
N GLY H 7 7.22 5.17 -14.92
CA GLY H 7 6.56 4.53 -13.84
C GLY H 7 6.11 5.52 -12.80
N ARG H 8 6.31 5.10 -11.56
CA ARG H 8 6.04 5.89 -10.39
C ARG H 8 6.70 7.30 -10.46
N GLU H 9 7.89 7.39 -11.09
CA GLU H 9 8.56 8.65 -11.14
C GLU H 9 7.83 9.71 -12.01
N ILE H 10 6.90 9.31 -12.89
CA ILE H 10 6.17 10.26 -13.71
C ILE H 10 5.14 10.91 -12.69
N GLY H 11 4.38 10.04 -11.98
CA GLY H 11 3.28 10.54 -11.08
C GLY H 11 3.88 11.42 -10.05
N MET H 12 5.03 10.96 -9.49
CA MET H 12 5.64 11.66 -8.40
C MET H 12 6.25 12.95 -8.87
N TRP H 13 6.56 13.10 -10.16
CA TRP H 13 7.13 14.37 -10.62
C TRP H 13 6.01 15.46 -10.45
N TYR H 14 4.77 15.05 -10.69
CA TYR H 14 3.64 15.99 -10.49
C TYR H 14 3.36 16.19 -9.03
N ALA H 15 3.48 15.15 -8.23
CA ALA H 15 3.25 15.29 -6.80
C ALA H 15 4.23 16.21 -6.14
N LYS H 16 5.52 16.08 -6.48
CA LYS H 16 6.58 16.91 -5.81
C LYS H 16 6.36 18.37 -6.12
N LYS H 17 6.03 18.60 -7.39
CA LYS H 17 5.62 19.82 -8.06
C LYS H 17 5.67 19.56 -9.59
#